data_4W8P
#
_entry.id   4W8P
#
_cell.length_a   59.722
_cell.length_b   105.884
_cell.length_c   49.027
_cell.angle_alpha   90.00
_cell.angle_beta   90.00
_cell.angle_gamma   90.00
#
_symmetry.space_group_name_H-M   'P 21 21 2'
#
loop_
_entity.id
_entity.type
_entity.pdbx_description
1 polymer Talin-1
2 polymer 'Amyloid beta A4 precursor protein-binding family B member 1-interacting protein'
3 non-polymer 1,2-ETHANEDIOL
4 water water
#
loop_
_entity_poly.entity_id
_entity_poly.type
_entity_poly.pdbx_seq_one_letter_code
_entity_poly.pdbx_strand_id
1 'polypeptide(L)'
;APGQKECDNALRQLETVRELLENPVQPINDMSYFGCLDSVMENSKVLGEAMTGISQNAKNGNLPEFGDAIATASKALCGF
TEAAAQAAYLVGVSDPNSQAGQQGLVEPTQFARANQAIQMACQSLGEPGCTQAQVLSAATIVAKHTSALCNSCRLASART
ANPTAKRQFVQSAKEVANSTANLVKTIKALDGDFTEENRAQCRAATAPLLEAVDNLSAFASNPEFSSVPAQISPEGRAAM
EPIVISAKTMLESAGGLIQTARALAVNPRDPPRWSVLAGHSRTVSDSIKKLITSMRDKAPG
;
A
2 'polypeptide(L)' NEDIDQMFSTLLGEMDLLTQS B
#
loop_
_chem_comp.id
_chem_comp.type
_chem_comp.name
_chem_comp.formula
EDO non-polymer 1,2-ETHANEDIOL 'C2 H6 O2'
#
# COMPACT_ATOMS: atom_id res chain seq x y z
N ALA A 1 -10.06 -27.97 -0.87
CA ALA A 1 -9.56 -28.25 -2.24
C ALA A 1 -8.67 -27.12 -2.74
N PRO A 2 -7.48 -27.47 -3.31
CA PRO A 2 -6.58 -26.45 -3.87
C PRO A 2 -7.28 -25.67 -4.97
N GLY A 3 -7.17 -24.34 -4.93
CA GLY A 3 -7.84 -23.49 -5.90
C GLY A 3 -9.07 -22.78 -5.35
N GLN A 4 -9.72 -23.40 -4.37
CA GLN A 4 -10.98 -22.87 -3.81
C GLN A 4 -10.75 -21.63 -2.95
N LYS A 5 -9.76 -21.69 -2.07
CA LYS A 5 -9.35 -20.53 -1.27
C LYS A 5 -8.87 -19.39 -2.16
N GLU A 6 -8.11 -19.73 -3.20
CA GLU A 6 -7.58 -18.74 -4.14
C GLU A 6 -8.71 -18.00 -4.87
N CYS A 7 -9.73 -18.73 -5.32
CA CYS A 7 -10.87 -18.11 -6.01
C CYS A 7 -11.64 -17.18 -5.08
N ASP A 8 -11.92 -17.64 -3.86
CA ASP A 8 -12.59 -16.83 -2.85
C ASP A 8 -11.77 -15.58 -2.51
N ASN A 9 -10.47 -15.74 -2.28
CA ASN A 9 -9.57 -14.62 -2.03
C ASN A 9 -9.53 -13.63 -3.20
N ALA A 10 -9.45 -14.17 -4.42
CA ALA A 10 -9.42 -13.34 -5.63
C ALA A 10 -10.69 -12.50 -5.77
N LEU A 11 -11.85 -13.12 -5.54
CA LEU A 11 -13.11 -12.41 -5.60
C LEU A 11 -13.22 -11.29 -4.55
N ARG A 12 -12.67 -11.55 -3.36
CA ARG A 12 -12.60 -10.52 -2.31
C ARG A 12 -11.68 -9.36 -2.67
N GLN A 13 -10.50 -9.67 -3.22
CA GLN A 13 -9.56 -8.63 -3.64
C GLN A 13 -10.10 -7.78 -4.79
N LEU A 14 -10.81 -8.42 -5.71
CA LEU A 14 -11.47 -7.71 -6.82
C LEU A 14 -12.51 -6.72 -6.32
N GLU A 15 -13.32 -7.17 -5.36
CA GLU A 15 -14.34 -6.34 -4.74
C GLU A 15 -13.74 -5.13 -4.03
N THR A 16 -12.57 -5.33 -3.41
CA THR A 16 -11.86 -4.25 -2.75
C THR A 16 -11.24 -3.28 -3.78
N VAL A 17 -10.52 -3.83 -4.77
CA VAL A 17 -9.81 -2.99 -5.73
C VAL A 17 -10.73 -2.17 -6.65
N ARG A 18 -11.96 -2.65 -6.87
CA ARG A 18 -12.90 -1.91 -7.72
C ARG A 18 -13.33 -0.57 -7.11
N GLU A 19 -13.15 -0.42 -5.80
CA GLU A 19 -13.45 0.85 -5.13
C GLU A 19 -12.58 2.00 -5.63
N LEU A 20 -11.40 1.68 -6.15
CA LEU A 20 -10.49 2.70 -6.71
C LEU A 20 -11.09 3.41 -7.91
N LEU A 21 -12.08 2.78 -8.55
CA LEU A 21 -12.69 3.31 -9.76
C LEU A 21 -13.96 4.14 -9.52
N GLU A 22 -14.37 4.25 -8.26
CA GLU A 22 -15.64 4.92 -7.94
C GLU A 22 -15.60 6.44 -8.14
N ASN A 23 -14.52 7.06 -7.68
CA ASN A 23 -14.33 8.51 -7.83
C ASN A 23 -12.83 8.82 -7.89
N PRO A 24 -12.16 8.44 -8.99
CA PRO A 24 -10.70 8.52 -9.09
C PRO A 24 -10.24 9.95 -9.38
N VAL A 25 -10.50 10.86 -8.46
CA VAL A 25 -10.24 12.28 -8.65
C VAL A 25 -9.08 12.80 -7.79
N GLN A 26 -8.42 11.88 -7.09
CA GLN A 26 -7.20 12.19 -6.34
C GLN A 26 -6.13 11.14 -6.66
N PRO A 27 -4.84 11.51 -6.54
CA PRO A 27 -3.79 10.51 -6.81
C PRO A 27 -3.81 9.38 -5.79
N ILE A 28 -3.54 8.15 -6.23
CA ILE A 28 -3.51 6.99 -5.33
C ILE A 28 -2.13 6.34 -5.22
N ASN A 29 -1.24 6.69 -6.15
CA ASN A 29 0.17 6.31 -6.09
C ASN A 29 1.04 7.38 -6.76
N ASP A 30 2.32 7.08 -6.92
CA ASP A 30 3.28 8.05 -7.46
C ASP A 30 3.64 7.83 -8.95
N MET A 31 2.90 6.96 -9.63
CA MET A 31 3.17 6.69 -11.04
C MET A 31 2.89 7.89 -11.94
N SER A 32 3.78 8.11 -12.89
CA SER A 32 3.55 9.04 -13.99
C SER A 32 2.54 8.41 -14.96
N TYR A 33 2.07 9.19 -15.93
CA TYR A 33 1.11 8.67 -16.91
C TYR A 33 1.69 7.51 -17.70
N PHE A 34 2.93 7.66 -18.17
CA PHE A 34 3.59 6.59 -18.90
C PHE A 34 3.96 5.41 -17.99
N GLY A 35 4.19 5.69 -16.71
CA GLY A 35 4.32 4.66 -15.70
C GLY A 35 3.06 3.81 -15.61
N CYS A 36 1.90 4.47 -15.63
CA CYS A 36 0.63 3.74 -15.65
C CYS A 36 0.48 2.89 -16.90
N LEU A 37 0.82 3.45 -18.06
CA LEU A 37 0.73 2.70 -19.31
C LEU A 37 1.65 1.48 -19.30
N ASP A 38 2.87 1.64 -18.79
CA ASP A 38 3.80 0.53 -18.63
C ASP A 38 3.19 -0.56 -17.74
N SER A 39 2.53 -0.17 -16.67
CA SER A 39 1.95 -1.12 -15.72
C SER A 39 0.75 -1.85 -16.33
N VAL A 40 -0.05 -1.13 -17.11
CA VAL A 40 -1.19 -1.71 -17.81
C VAL A 40 -0.71 -2.75 -18.81
N MET A 41 0.38 -2.43 -19.52
CA MET A 41 0.93 -3.34 -20.53
C MET A 41 1.49 -4.61 -19.89
N GLU A 42 2.28 -4.44 -18.82
CA GLU A 42 2.86 -5.58 -18.10
C GLU A 42 1.80 -6.48 -17.46
N ASN A 43 0.82 -5.86 -16.78
CA ASN A 43 -0.23 -6.63 -16.10
C ASN A 43 -1.18 -7.33 -17.07
N SER A 44 -1.44 -6.70 -18.22
CA SER A 44 -2.23 -7.31 -19.28
C SER A 44 -1.57 -8.59 -19.79
N LYS A 45 -0.26 -8.54 -20.01
CA LYS A 45 0.53 -9.69 -20.43
C LYS A 45 0.46 -10.84 -19.41
N VAL A 46 0.71 -10.51 -18.15
CA VAL A 46 0.65 -11.50 -17.08
C VAL A 46 -0.76 -12.11 -16.97
N LEU A 47 -1.78 -11.25 -17.04
CA LEU A 47 -3.17 -11.70 -16.96
C LEU A 47 -3.52 -12.64 -18.11
N GLY A 48 -3.06 -12.31 -19.32
CA GLY A 48 -3.27 -13.15 -20.49
C GLY A 48 -2.74 -14.56 -20.25
N GLU A 49 -1.52 -14.66 -19.74
CA GLU A 49 -0.91 -15.95 -19.42
C GLU A 49 -1.68 -16.66 -18.31
N ALA A 50 -2.12 -15.89 -17.31
CA ALA A 50 -2.86 -16.45 -16.18
C ALA A 50 -4.23 -17.02 -16.59
N MET A 51 -4.91 -16.36 -17.52
CA MET A 51 -6.23 -16.84 -17.97
C MET A 51 -6.11 -18.18 -18.69
N THR A 52 -5.00 -18.39 -19.39
CA THR A 52 -4.71 -19.65 -20.05
C THR A 52 -4.38 -20.74 -19.01
N GLY A 53 -3.68 -20.34 -17.97
CA GLY A 53 -3.38 -21.23 -16.84
C GLY A 53 -4.64 -21.67 -16.11
N ILE A 54 -5.57 -20.74 -15.93
CA ILE A 54 -6.84 -21.04 -15.25
C ILE A 54 -7.62 -22.08 -16.03
N SER A 55 -7.82 -21.84 -17.31
CA SER A 55 -8.64 -22.75 -18.10
C SER A 55 -7.98 -24.12 -18.24
N GLN A 56 -6.70 -24.13 -18.62
CA GLN A 56 -6.01 -25.39 -18.91
C GLN A 56 -5.88 -26.28 -17.68
N ASN A 57 -5.56 -25.67 -16.54
CA ASN A 57 -5.40 -26.45 -15.31
C ASN A 57 -6.72 -26.93 -14.71
N ALA A 58 -7.78 -26.12 -14.86
CA ALA A 58 -9.11 -26.59 -14.49
C ALA A 58 -9.55 -27.75 -15.37
N LYS A 59 -9.29 -27.63 -16.68
CA LYS A 59 -9.68 -28.66 -17.65
C LYS A 59 -9.06 -30.02 -17.30
N ASN A 60 -7.80 -29.99 -16.91
CA ASN A 60 -7.01 -31.21 -16.74
C ASN A 60 -6.87 -31.65 -15.28
N GLY A 61 -7.50 -30.91 -14.38
CA GLY A 61 -7.51 -31.26 -12.95
C GLY A 61 -6.17 -31.11 -12.25
N ASN A 62 -5.35 -30.18 -12.71
CA ASN A 62 -4.11 -29.82 -12.03
C ASN A 62 -4.45 -28.70 -11.05
N LEU A 63 -4.90 -29.09 -9.86
CA LEU A 63 -5.48 -28.12 -8.92
CA LEU A 63 -5.47 -28.13 -8.90
C LEU A 63 -4.47 -27.15 -8.29
N PRO A 64 -3.28 -27.64 -7.85
CA PRO A 64 -2.35 -26.63 -7.32
C PRO A 64 -1.95 -25.59 -8.38
N GLU A 65 -1.74 -26.03 -9.61
CA GLU A 65 -1.39 -25.14 -10.72
C GLU A 65 -2.54 -24.19 -11.07
N PHE A 66 -3.77 -24.69 -10.94
CA PHE A 66 -4.97 -23.86 -11.07
C PHE A 66 -5.00 -22.73 -10.04
N GLY A 67 -4.74 -23.07 -8.78
CA GLY A 67 -4.73 -22.09 -7.70
C GLY A 67 -3.69 -21.01 -7.93
N ASP A 68 -2.51 -21.42 -8.40
CA ASP A 68 -1.41 -20.51 -8.72
C ASP A 68 -1.84 -19.53 -9.82
N ALA A 69 -2.53 -20.03 -10.84
CA ALA A 69 -2.99 -19.19 -11.95
C ALA A 69 -4.06 -18.17 -11.50
N ILE A 70 -4.97 -18.63 -10.65
CA ILE A 70 -5.99 -17.74 -10.04
C ILE A 70 -5.30 -16.62 -9.26
N ALA A 71 -4.32 -16.98 -8.42
CA ALA A 71 -3.59 -16.01 -7.63
C ALA A 71 -2.83 -15.00 -8.50
N THR A 72 -2.20 -15.49 -9.57
CA THR A 72 -1.48 -14.63 -10.50
C THR A 72 -2.43 -13.67 -11.22
N ALA A 73 -3.59 -14.19 -11.62
CA ALA A 73 -4.61 -13.36 -12.27
C ALA A 73 -5.06 -12.25 -11.33
N SER A 74 -5.30 -12.59 -10.07
CA SER A 74 -5.78 -11.65 -9.07
C SER A 74 -4.81 -10.49 -8.89
N LYS A 75 -3.53 -10.84 -8.73
CA LYS A 75 -2.48 -9.84 -8.60
C LYS A 75 -2.44 -8.91 -9.81
N ALA A 76 -2.51 -9.49 -11.00
CA ALA A 76 -2.50 -8.72 -12.24
C ALA A 76 -3.70 -7.80 -12.36
N LEU A 77 -4.88 -8.30 -11.98
CA LEU A 77 -6.11 -7.49 -12.00
C LEU A 77 -6.02 -6.30 -11.05
N CYS A 78 -5.39 -6.51 -9.88
CA CYS A 78 -5.21 -5.44 -8.93
C CYS A 78 -4.21 -4.40 -9.43
N GLY A 79 -3.07 -4.88 -9.91
CA GLY A 79 -2.07 -3.98 -10.50
C GLY A 79 -2.66 -3.16 -11.63
N PHE A 80 -3.42 -3.83 -12.50
CA PHE A 80 -4.06 -3.18 -13.60
C PHE A 80 -5.00 -2.05 -13.16
N THR A 81 -5.83 -2.34 -12.15
CA THR A 81 -6.81 -1.40 -11.64
C THR A 81 -6.17 -0.18 -10.97
N GLU A 82 -5.10 -0.41 -10.21
CA GLU A 82 -4.33 0.69 -9.62
C GLU A 82 -3.79 1.62 -10.70
N ALA A 83 -3.24 1.05 -11.76
CA ALA A 83 -2.71 1.83 -12.87
C ALA A 83 -3.80 2.60 -13.61
N ALA A 84 -4.94 1.95 -13.82
CA ALA A 84 -6.08 2.58 -14.50
C ALA A 84 -6.67 3.75 -13.71
N ALA A 85 -6.76 3.58 -12.39
CA ALA A 85 -7.33 4.59 -11.51
C ALA A 85 -6.42 5.81 -11.44
N GLN A 86 -5.11 5.55 -11.35
CA GLN A 86 -4.13 6.63 -11.37
C GLN A 86 -4.13 7.36 -12.71
N ALA A 87 -4.22 6.60 -13.81
CA ALA A 87 -4.26 7.19 -15.13
C ALA A 87 -5.51 8.05 -15.33
N ALA A 88 -6.65 7.56 -14.81
CA ALA A 88 -7.89 8.31 -14.90
C ALA A 88 -7.75 9.65 -14.17
N TYR A 89 -7.21 9.62 -12.95
CA TYR A 89 -6.92 10.83 -12.20
C TYR A 89 -6.04 11.81 -12.98
N LEU A 90 -4.97 11.30 -13.58
CA LEU A 90 -4.01 12.14 -14.31
C LEU A 90 -4.66 12.78 -15.53
N VAL A 91 -5.53 12.04 -16.21
CA VAL A 91 -6.30 12.58 -17.32
C VAL A 91 -7.23 13.69 -16.81
N GLY A 92 -7.96 13.41 -15.74
CA GLY A 92 -8.89 14.39 -15.16
C GLY A 92 -8.23 15.69 -14.75
N VAL A 93 -7.09 15.59 -14.06
CA VAL A 93 -6.39 16.76 -13.54
C VAL A 93 -5.66 17.57 -14.64
N SER A 94 -5.47 16.94 -15.80
CA SER A 94 -4.78 17.59 -16.91
C SER A 94 -5.65 18.60 -17.68
N ASP A 95 -6.98 18.50 -17.52
CA ASP A 95 -7.90 19.45 -18.13
C ASP A 95 -7.54 20.88 -17.73
N PRO A 96 -7.56 21.83 -18.70
CA PRO A 96 -7.22 23.23 -18.42
C PRO A 96 -7.96 23.84 -17.23
N ASN A 97 -9.22 23.44 -17.04
CA ASN A 97 -10.05 23.97 -15.95
C ASN A 97 -9.95 23.20 -14.63
N SER A 98 -9.22 22.09 -14.65
CA SER A 98 -8.91 21.39 -13.41
C SER A 98 -7.82 22.12 -12.66
N GLN A 99 -7.83 21.99 -11.33
CA GLN A 99 -6.83 22.61 -10.47
C GLN A 99 -6.01 21.50 -9.83
N ALA A 100 -4.73 21.43 -10.18
CA ALA A 100 -3.82 20.46 -9.57
C ALA A 100 -3.63 20.82 -8.11
N GLY A 101 -3.60 19.81 -7.25
CA GLY A 101 -3.30 20.03 -5.85
C GLY A 101 -1.80 19.95 -5.64
N GLN A 102 -1.39 19.67 -4.42
CA GLN A 102 0.02 19.40 -4.15
C GLN A 102 0.17 18.27 -3.13
N GLN A 103 1.23 17.49 -3.30
CA GLN A 103 1.51 16.37 -2.43
C GLN A 103 1.98 16.88 -1.08
N GLY A 104 1.38 16.35 0.00
CA GLY A 104 1.84 16.64 1.34
C GLY A 104 3.16 15.97 1.61
N LEU A 105 3.92 16.52 2.56
CA LEU A 105 5.25 16.01 2.87
C LEU A 105 5.23 14.61 3.50
N VAL A 106 4.20 14.34 4.31
CA VAL A 106 4.06 13.06 5.01
C VAL A 106 2.63 12.55 4.83
N GLU A 107 2.50 11.30 4.38
CA GLU A 107 1.18 10.68 4.21
C GLU A 107 0.49 10.57 5.58
N PRO A 108 -0.68 11.22 5.73
CA PRO A 108 -1.25 11.43 7.06
C PRO A 108 -1.81 10.18 7.77
N THR A 109 -2.38 9.24 7.02
CA THR A 109 -3.02 8.08 7.65
C THR A 109 -2.03 7.12 8.31
N GLN A 110 -0.96 6.76 7.59
CA GLN A 110 0.05 5.87 8.15
C GLN A 110 0.88 6.56 9.24
N PHE A 111 1.09 7.88 9.10
CA PHE A 111 1.72 8.68 10.15
C PHE A 111 0.97 8.56 11.47
N ALA A 112 -0.34 8.81 11.43
CA ALA A 112 -1.20 8.71 12.60
C ALA A 112 -1.19 7.28 13.18
N ARG A 113 -1.22 6.28 12.30
CA ARG A 113 -1.20 4.88 12.73
C ARG A 113 0.12 4.53 13.40
N ALA A 114 1.23 5.04 12.85
CA ALA A 114 2.54 4.79 13.43
C ALA A 114 2.63 5.38 14.85
N ASN A 115 2.19 6.63 14.99
CA ASN A 115 2.21 7.27 16.30
C ASN A 115 1.36 6.53 17.33
N GLN A 116 0.14 6.17 16.93
CA GLN A 116 -0.78 5.40 17.77
C GLN A 116 -0.20 4.06 18.17
N ALA A 117 0.44 3.36 17.21
CA ALA A 117 1.03 2.05 17.50
C ALA A 117 2.18 2.16 18.49
N ILE A 118 3.02 3.18 18.34
CA ILE A 118 4.10 3.40 19.29
C ILE A 118 3.54 3.69 20.68
N GLN A 119 2.52 4.54 20.75
CA GLN A 119 1.91 4.91 22.03
C GLN A 119 1.33 3.70 22.76
N MET A 120 0.65 2.83 22.03
CA MET A 120 0.05 1.63 22.61
C MET A 120 1.08 0.57 23.01
N ALA A 121 2.11 0.39 22.18
CA ALA A 121 3.22 -0.50 22.55
C ALA A 121 3.93 -0.01 23.81
N CYS A 122 4.12 1.31 23.93
CA CYS A 122 4.70 1.90 25.14
C CYS A 122 3.82 1.66 26.36
N GLN A 123 2.51 1.74 26.18
CA GLN A 123 1.54 1.42 27.22
C GLN A 123 1.62 -0.06 27.64
N SER A 124 1.85 -0.94 26.66
CA SER A 124 2.02 -2.39 26.94
C SER A 124 3.22 -2.66 27.82
N LEU A 125 4.36 -2.06 27.47
CA LEU A 125 5.58 -2.12 28.27
C LEU A 125 5.36 -1.56 29.67
N GLY A 126 4.20 -0.92 29.87
CA GLY A 126 3.83 -0.33 31.15
C GLY A 126 2.80 -1.10 31.95
N GLU A 127 2.15 -2.09 31.32
CA GLU A 127 1.16 -2.90 32.01
C GLU A 127 1.79 -3.74 33.13
N PRO A 128 1.15 -3.75 34.31
CA PRO A 128 1.69 -4.53 35.45
C PRO A 128 1.72 -6.03 35.18
N GLY A 129 0.76 -6.52 34.40
CA GLY A 129 0.64 -7.94 34.09
C GLY A 129 1.28 -8.39 32.79
N CYS A 130 1.99 -7.47 32.14
CA CYS A 130 2.72 -7.75 30.88
C CYS A 130 3.69 -8.93 31.05
N THR A 131 3.49 -9.98 30.26
CA THR A 131 4.42 -11.12 30.26
C THR A 131 5.73 -10.71 29.61
N GLN A 132 6.81 -11.43 29.94
CA GLN A 132 8.13 -11.22 29.35
C GLN A 132 8.11 -11.27 27.80
N ALA A 133 7.35 -12.23 27.26
CA ALA A 133 7.15 -12.32 25.81
C ALA A 133 6.54 -11.05 25.26
N GLN A 134 5.62 -10.45 26.01
CA GLN A 134 4.97 -9.21 25.56
C GLN A 134 5.92 -8.01 25.50
N VAL A 135 6.96 -7.99 26.32
CA VAL A 135 8.03 -6.99 26.18
C VAL A 135 8.66 -7.06 24.78
N LEU A 136 9.01 -8.27 24.37
CA LEU A 136 9.61 -8.47 23.04
C LEU A 136 8.65 -8.18 21.89
N SER A 137 7.38 -8.58 22.01
CA SER A 137 6.43 -8.27 20.94
C SER A 137 6.17 -6.75 20.85
N ALA A 138 6.03 -6.10 22.00
CA ALA A 138 5.92 -4.64 22.02
C ALA A 138 7.13 -4.00 21.37
N ALA A 139 8.32 -4.56 21.62
CA ALA A 139 9.55 -4.02 21.06
C ALA A 139 9.52 -4.07 19.53
N THR A 140 8.97 -5.15 18.97
CA THR A 140 8.88 -5.29 17.51
C THR A 140 7.99 -4.21 16.90
N ILE A 141 6.94 -3.83 17.62
CA ILE A 141 6.03 -2.80 17.15
C ILE A 141 6.74 -1.45 17.19
N VAL A 142 7.45 -1.18 18.29
CA VAL A 142 8.27 0.04 18.39
C VAL A 142 9.30 0.10 17.27
N ALA A 143 9.99 -1.01 17.03
CA ALA A 143 11.04 -1.08 16.01
C ALA A 143 10.50 -0.74 14.63
N LYS A 144 9.33 -1.30 14.32
CA LYS A 144 8.72 -1.13 13.01
C LYS A 144 8.33 0.33 12.81
N HIS A 145 7.61 0.90 13.77
CA HIS A 145 7.02 2.21 13.54
C HIS A 145 7.96 3.36 13.73
N THR A 146 8.92 3.24 14.66
CA THR A 146 9.94 4.29 14.79
C THR A 146 10.82 4.36 13.56
N SER A 147 11.19 3.20 13.00
CA SER A 147 11.99 3.22 11.77
C SER A 147 11.19 3.80 10.61
N ALA A 148 9.90 3.48 10.54
CA ALA A 148 9.00 4.03 9.52
C ALA A 148 8.85 5.55 9.65
N LEU A 149 8.72 6.05 10.88
CA LEU A 149 8.66 7.49 11.11
C LEU A 149 9.93 8.19 10.62
N CYS A 150 11.09 7.60 10.91
CA CYS A 150 12.36 8.19 10.49
C CYS A 150 12.47 8.23 8.98
N ASN A 151 12.07 7.15 8.33
CA ASN A 151 12.04 7.07 6.87
C ASN A 151 11.15 8.19 6.30
N SER A 152 9.95 8.35 6.87
CA SER A 152 9.03 9.41 6.43
CA SER A 152 9.04 9.40 6.39
C SER A 152 9.62 10.81 6.61
N CYS A 153 10.38 10.99 7.69
CA CYS A 153 11.04 12.26 7.96
C CYS A 153 12.09 12.58 6.91
N ARG A 154 12.85 11.58 6.50
CA ARG A 154 13.89 11.79 5.49
C ARG A 154 13.26 12.08 4.13
N LEU A 155 12.16 11.41 3.83
CA LEU A 155 11.41 11.67 2.60
C LEU A 155 10.86 13.09 2.59
N ALA A 156 10.25 13.49 3.70
CA ALA A 156 9.71 14.84 3.83
C ALA A 156 10.80 15.90 3.69
N SER A 157 11.97 15.63 4.29
CA SER A 157 13.11 16.54 4.20
C SER A 157 13.56 16.71 2.74
N ALA A 158 13.62 15.61 2.01
CA ALA A 158 13.97 15.63 0.59
C ALA A 158 12.96 16.41 -0.24
N ARG A 159 11.68 16.26 0.10
CA ARG A 159 10.56 16.85 -0.65
C ARG A 159 10.44 18.37 -0.53
N THR A 160 10.87 18.92 0.61
CA THR A 160 10.72 20.36 0.86
C THR A 160 11.94 21.16 0.45
N ALA A 161 11.71 22.32 -0.17
CA ALA A 161 12.80 23.23 -0.52
C ALA A 161 13.03 24.29 0.57
N ASN A 162 12.21 24.26 1.62
CA ASN A 162 12.38 25.12 2.78
C ASN A 162 13.55 24.61 3.62
N PRO A 163 14.66 25.37 3.67
CA PRO A 163 15.84 24.86 4.37
C PRO A 163 15.62 24.59 5.87
N THR A 164 14.80 25.42 6.51
CA THR A 164 14.46 25.23 7.92
C THR A 164 13.67 23.93 8.15
N ALA A 165 12.68 23.68 7.29
CA ALA A 165 11.90 22.44 7.37
C ALA A 165 12.75 21.20 7.06
N LYS A 166 13.67 21.34 6.11
CA LYS A 166 14.60 20.26 5.74
C LYS A 166 15.35 19.81 6.98
N ARG A 167 15.94 20.76 7.69
CA ARG A 167 16.73 20.48 8.88
C ARG A 167 15.87 19.95 10.01
N GLN A 168 14.68 20.53 10.21
CA GLN A 168 13.85 20.12 11.34
C GLN A 168 13.30 18.70 11.20
N PHE A 169 12.94 18.28 9.99
CA PHE A 169 12.50 16.91 9.79
C PHE A 169 13.59 15.91 10.18
N VAL A 170 14.84 16.21 9.81
CA VAL A 170 15.98 15.37 10.23
C VAL A 170 16.16 15.39 11.75
N GLN A 171 16.09 16.57 12.37
CA GLN A 171 16.28 16.68 13.82
C GLN A 171 15.19 15.91 14.59
N SER A 172 13.95 16.04 14.14
CA SER A 172 12.83 15.34 14.78
C SER A 172 13.01 13.84 14.68
N ALA A 173 13.51 13.38 13.53
CA ALA A 173 13.78 11.96 13.34
C ALA A 173 14.88 11.48 14.29
N LYS A 174 15.92 12.30 14.44
CA LYS A 174 17.00 11.98 15.37
C LYS A 174 16.48 11.82 16.79
N GLU A 175 15.55 12.69 17.18
CA GLU A 175 14.96 12.61 18.51
C GLU A 175 14.16 11.32 18.73
N VAL A 176 13.40 10.91 17.71
CA VAL A 176 12.68 9.65 17.76
C VAL A 176 13.67 8.48 17.84
N ALA A 177 14.70 8.50 17.00
CA ALA A 177 15.66 7.40 16.96
C ALA A 177 16.48 7.29 18.25
N ASN A 178 16.95 8.43 18.75
CA ASN A 178 17.76 8.41 19.96
C ASN A 178 16.98 8.06 21.23
N SER A 179 15.76 8.58 21.34
CA SER A 179 14.90 8.16 22.44
C SER A 179 14.57 6.67 22.37
N THR A 180 14.39 6.15 21.16
CA THR A 180 14.13 4.71 21.01
C THR A 180 15.36 3.90 21.40
N ALA A 181 16.54 4.37 21.00
CA ALA A 181 17.78 3.68 21.34
C ALA A 181 17.94 3.57 22.87
N ASN A 182 17.63 4.65 23.58
CA ASN A 182 17.67 4.62 25.05
C ASN A 182 16.66 3.61 25.64
N LEU A 183 15.46 3.57 25.06
CA LEU A 183 14.45 2.57 25.45
C LEU A 183 14.94 1.15 25.20
N VAL A 184 15.62 0.93 24.08
CA VAL A 184 16.17 -0.39 23.73
C VAL A 184 17.15 -0.91 24.79
N LYS A 185 17.98 -0.01 25.34
CA LYS A 185 18.87 -0.37 26.46
C LYS A 185 18.08 -0.99 27.61
N THR A 186 16.95 -0.36 27.96
CA THR A 186 16.15 -0.80 29.10
C THR A 186 15.36 -2.08 28.79
N ILE A 187 14.98 -2.24 27.54
CA ILE A 187 14.32 -3.46 27.08
C ILE A 187 15.27 -4.64 27.20
N LYS A 188 16.53 -4.44 26.79
CA LYS A 188 17.57 -5.45 26.94
C LYS A 188 17.77 -5.84 28.40
N ALA A 189 17.82 -4.83 29.27
CA ALA A 189 17.99 -5.05 30.71
C ALA A 189 16.83 -5.84 31.31
N LEU A 190 15.61 -5.48 30.92
CA LEU A 190 14.39 -6.10 31.41
C LEU A 190 14.26 -7.55 30.94
N ASP A 191 14.63 -7.80 29.68
CA ASP A 191 14.62 -9.15 29.12
C ASP A 191 15.67 -10.05 29.79
N GLY A 192 16.81 -9.47 30.13
CA GLY A 192 17.90 -10.20 30.77
C GLY A 192 17.68 -10.50 32.24
N ASP A 193 16.95 -9.60 32.91
CA ASP A 193 16.61 -9.76 34.33
C ASP A 193 15.23 -9.14 34.58
N PHE A 194 14.22 -10.00 34.61
CA PHE A 194 12.82 -9.57 34.63
C PHE A 194 12.38 -9.17 36.04
N THR A 195 12.92 -8.04 36.51
CA THR A 195 12.67 -7.52 37.85
C THR A 195 11.69 -6.35 37.81
N GLU A 196 11.04 -6.08 38.95
CA GLU A 196 10.09 -4.97 39.07
C GLU A 196 10.78 -3.62 38.88
N GLU A 197 12.05 -3.55 39.30
CA GLU A 197 12.87 -2.35 39.16
C GLU A 197 13.19 -2.08 37.69
N ASN A 198 13.54 -3.14 36.95
CA ASN A 198 13.81 -3.03 35.52
C ASN A 198 12.55 -2.71 34.71
N ARG A 199 11.40 -3.21 35.18
CA ARG A 199 10.11 -2.86 34.58
C ARG A 199 9.85 -1.37 34.73
N ALA A 200 10.15 -0.82 35.90
CA ALA A 200 10.00 0.60 36.17
C ALA A 200 10.96 1.45 35.33
N GLN A 201 12.17 0.95 35.13
CA GLN A 201 13.20 1.64 34.34
C GLN A 201 12.81 1.67 32.86
N CYS A 202 12.20 0.59 32.39
CA CYS A 202 11.69 0.50 31.03
C CYS A 202 10.51 1.46 30.82
N ARG A 203 9.54 1.40 31.75
CA ARG A 203 8.39 2.32 31.74
C ARG A 203 8.85 3.78 31.64
N ALA A 204 9.85 4.13 32.44
CA ALA A 204 10.40 5.48 32.49
C ALA A 204 11.00 5.92 31.15
N ALA A 205 11.70 4.98 30.50
CA ALA A 205 12.37 5.29 29.23
C ALA A 205 11.40 5.44 28.07
N THR A 206 10.15 5.01 28.24
CA THR A 206 9.11 5.28 27.21
C THR A 206 8.73 6.76 27.11
N ALA A 207 8.85 7.49 28.22
CA ALA A 207 8.46 8.90 28.24
C ALA A 207 9.17 9.78 27.17
N PRO A 208 10.52 9.72 27.07
CA PRO A 208 11.19 10.52 26.04
C PRO A 208 10.78 10.15 24.61
N LEU A 209 10.49 8.87 24.39
CA LEU A 209 10.00 8.43 23.09
C LEU A 209 8.61 9.00 22.81
N LEU A 210 7.70 8.90 23.79
CA LEU A 210 6.37 9.46 23.63
C LEU A 210 6.43 10.97 23.35
N GLU A 211 7.34 11.66 24.04
CA GLU A 211 7.56 13.08 23.82
C GLU A 211 8.10 13.36 22.41
N ALA A 212 9.04 12.53 21.95
CA ALA A 212 9.57 12.66 20.59
C ALA A 212 8.50 12.46 19.52
N VAL A 213 7.64 11.46 19.73
CA VAL A 213 6.51 11.19 18.85
C VAL A 213 5.54 12.37 18.84
N ASP A 214 5.21 12.89 20.03
CA ASP A 214 4.31 14.03 20.11
C ASP A 214 4.88 15.27 19.44
N ASN A 215 6.17 15.56 19.71
CA ASN A 215 6.87 16.70 19.12
C ASN A 215 6.93 16.65 17.59
N LEU A 216 7.18 15.46 17.06
CA LEU A 216 7.19 15.29 15.61
C LEU A 216 5.78 15.45 15.04
N SER A 217 4.79 14.89 15.73
CA SER A 217 3.40 15.02 15.28
C SER A 217 2.98 16.50 15.23
N ALA A 218 3.36 17.26 16.24
CA ALA A 218 3.08 18.69 16.29
C ALA A 218 3.76 19.44 15.15
N PHE A 219 5.04 19.15 14.92
CA PHE A 219 5.78 19.79 13.84
C PHE A 219 5.24 19.43 12.45
N ALA A 220 4.97 18.14 12.23
CA ALA A 220 4.56 17.64 10.91
C ALA A 220 3.15 18.04 10.53
N SER A 221 2.38 18.49 11.51
CA SER A 221 0.98 18.86 11.28
C SER A 221 0.79 20.28 10.78
N ASN A 222 1.90 21.03 10.65
CA ASN A 222 1.89 22.37 10.06
C ASN A 222 1.10 22.35 8.76
N PRO A 223 0.07 23.22 8.64
CA PRO A 223 -0.74 23.30 7.43
C PRO A 223 0.08 23.51 6.16
N GLU A 224 1.26 24.11 6.30
CA GLU A 224 2.15 24.35 5.16
CA GLU A 224 2.17 24.35 5.19
C GLU A 224 2.72 23.04 4.59
N PHE A 225 2.68 21.98 5.38
CA PHE A 225 3.19 20.68 4.93
C PHE A 225 2.09 19.75 4.42
N SER A 226 0.83 20.18 4.57
CA SER A 226 -0.32 19.34 4.26
CA SER A 226 -0.33 19.35 4.26
C SER A 226 -0.55 19.17 2.76
N SER A 227 -1.25 18.10 2.39
CA SER A 227 -1.65 17.90 1.02
C SER A 227 -2.77 18.87 0.67
N VAL A 228 -2.83 19.26 -0.59
CA VAL A 228 -3.93 20.07 -1.10
C VAL A 228 -4.64 19.22 -2.15
N PRO A 229 -5.95 18.97 -1.97
CA PRO A 229 -6.68 18.11 -2.91
C PRO A 229 -6.73 18.69 -4.32
N ALA A 230 -6.72 17.81 -5.32
CA ALA A 230 -7.00 18.21 -6.68
C ALA A 230 -8.45 18.64 -6.81
N GLN A 231 -8.72 19.49 -7.79
CA GLN A 231 -10.08 19.85 -8.15
C GLN A 231 -10.24 19.47 -9.62
N ILE A 232 -11.15 18.53 -9.88
CA ILE A 232 -11.35 18.03 -11.24
C ILE A 232 -12.59 18.67 -11.84
N SER A 233 -12.41 19.28 -13.02
CA SER A 233 -13.51 19.90 -13.75
C SER A 233 -14.45 18.87 -14.36
N PRO A 234 -15.71 19.28 -14.66
CA PRO A 234 -16.62 18.37 -15.36
C PRO A 234 -16.05 17.85 -16.69
N GLU A 235 -15.31 18.69 -17.41
CA GLU A 235 -14.65 18.29 -18.65
CA GLU A 235 -14.67 18.25 -18.65
C GLU A 235 -13.59 17.21 -18.36
N GLY A 236 -12.85 17.39 -17.27
CA GLY A 236 -11.86 16.41 -16.83
C GLY A 236 -12.51 15.08 -16.50
N ARG A 237 -13.65 15.13 -15.82
CA ARG A 237 -14.42 13.93 -15.49
C ARG A 237 -14.90 13.21 -16.75
N ALA A 238 -15.38 13.96 -17.74
CA ALA A 238 -15.80 13.37 -19.01
C ALA A 238 -14.62 12.72 -19.74
N ALA A 239 -13.45 13.36 -19.68
CA ALA A 239 -12.28 12.86 -20.37
C ALA A 239 -11.76 11.53 -19.82
N MET A 240 -11.90 11.33 -18.51
CA MET A 240 -11.40 10.12 -17.85
CA MET A 240 -11.40 10.12 -17.86
C MET A 240 -12.40 8.97 -17.89
N GLU A 241 -13.65 9.27 -18.25
CA GLU A 241 -14.70 8.24 -18.22
C GLU A 241 -14.41 6.96 -19.04
N PRO A 242 -13.91 7.10 -20.30
CA PRO A 242 -13.64 5.87 -21.07
C PRO A 242 -12.64 4.92 -20.41
N ILE A 243 -11.63 5.48 -19.75
CA ILE A 243 -10.68 4.67 -18.97
C ILE A 243 -11.41 3.96 -17.82
N VAL A 244 -12.21 4.72 -17.07
CA VAL A 244 -12.93 4.17 -15.93
C VAL A 244 -13.92 3.07 -16.34
N ILE A 245 -14.70 3.33 -17.40
CA ILE A 245 -15.71 2.36 -17.87
C ILE A 245 -15.04 1.05 -18.30
N SER A 246 -13.94 1.16 -19.03
CA SER A 246 -13.24 -0.04 -19.49
C SER A 246 -12.64 -0.85 -18.34
N ALA A 247 -12.10 -0.15 -17.34
CA ALA A 247 -11.55 -0.81 -16.16
C ALA A 247 -12.65 -1.53 -15.36
N LYS A 248 -13.80 -0.87 -15.21
CA LYS A 248 -14.95 -1.46 -14.53
C LYS A 248 -15.48 -2.70 -15.26
N THR A 249 -15.58 -2.60 -16.59
CA THR A 249 -16.04 -3.72 -17.41
C THR A 249 -15.06 -4.90 -17.31
N MET A 250 -13.77 -4.61 -17.30
CA MET A 250 -12.77 -5.63 -17.16
CA MET A 250 -12.73 -5.62 -17.13
C MET A 250 -12.98 -6.41 -15.85
N LEU A 251 -13.18 -5.69 -14.75
CA LEU A 251 -13.35 -6.33 -13.45
C LEU A 251 -14.64 -7.14 -13.36
N GLU A 252 -15.70 -6.67 -14.00
CA GLU A 252 -16.95 -7.41 -14.03
C GLU A 252 -16.77 -8.77 -14.70
N SER A 253 -16.11 -8.77 -15.86
CA SER A 253 -15.84 -10.01 -16.58
C SER A 253 -14.85 -10.91 -15.85
N ALA A 254 -13.84 -10.31 -15.21
CA ALA A 254 -12.89 -11.07 -14.41
C ALA A 254 -13.55 -11.79 -13.24
N GLY A 255 -14.50 -11.11 -12.59
CA GLY A 255 -15.27 -11.75 -11.52
C GLY A 255 -16.05 -12.94 -12.04
N GLY A 256 -16.69 -12.75 -13.20
CA GLY A 256 -17.44 -13.84 -13.83
C GLY A 256 -16.53 -14.99 -14.23
N LEU A 257 -15.35 -14.65 -14.74
CA LEU A 257 -14.34 -15.63 -15.09
C LEU A 257 -13.96 -16.50 -13.90
N ILE A 258 -13.64 -15.86 -12.78
CA ILE A 258 -13.20 -16.57 -11.58
C ILE A 258 -14.34 -17.42 -11.02
N GLN A 259 -15.56 -16.89 -11.02
CA GLN A 259 -16.71 -17.68 -10.54
C GLN A 259 -16.95 -18.93 -11.39
N THR A 260 -16.84 -18.78 -12.70
CA THR A 260 -17.01 -19.88 -13.63
C THR A 260 -15.88 -20.92 -13.47
N ALA A 261 -14.65 -20.43 -13.35
CA ALA A 261 -13.50 -21.29 -13.17
C ALA A 261 -13.56 -22.09 -11.88
N ARG A 262 -14.07 -21.45 -10.82
CA ARG A 262 -14.22 -22.09 -9.51
C ARG A 262 -15.11 -23.32 -9.64
N ALA A 263 -16.19 -23.19 -10.42
CA ALA A 263 -17.10 -24.31 -10.66
C ALA A 263 -16.48 -25.40 -11.54
N LEU A 264 -15.75 -24.99 -12.58
CA LEU A 264 -15.12 -25.92 -13.51
C LEU A 264 -14.01 -26.74 -12.85
N ALA A 265 -13.32 -26.15 -11.88
CA ALA A 265 -12.26 -26.83 -11.14
C ALA A 265 -12.84 -28.03 -10.42
N VAL A 266 -14.04 -27.84 -9.90
CA VAL A 266 -14.78 -28.85 -9.14
C VAL A 266 -15.39 -29.89 -10.09
N ASN A 267 -15.93 -29.41 -11.21
CA ASN A 267 -16.51 -30.28 -12.22
C ASN A 267 -16.26 -29.74 -13.63
N PRO A 268 -15.21 -30.26 -14.30
CA PRO A 268 -14.85 -29.75 -15.63
C PRO A 268 -15.67 -30.33 -16.77
N ARG A 269 -16.58 -31.25 -16.47
CA ARG A 269 -17.45 -31.82 -17.49
C ARG A 269 -18.71 -30.95 -17.63
N ASP A 270 -18.57 -29.85 -18.37
CA ASP A 270 -19.59 -28.81 -18.39
C ASP A 270 -19.39 -27.92 -19.61
N PRO A 271 -19.78 -28.41 -20.81
CA PRO A 271 -19.55 -27.62 -22.02
C PRO A 271 -20.10 -26.18 -21.97
N PRO A 272 -21.32 -25.97 -21.41
CA PRO A 272 -21.81 -24.58 -21.33
C PRO A 272 -20.91 -23.64 -20.53
N ARG A 273 -20.40 -24.09 -19.39
CA ARG A 273 -19.49 -23.26 -18.60
C ARG A 273 -18.16 -23.01 -19.29
N TRP A 274 -17.68 -23.96 -20.10
CA TRP A 274 -16.47 -23.69 -20.89
C TRP A 274 -16.68 -22.56 -21.85
N SER A 275 -17.86 -22.51 -22.47
CA SER A 275 -18.20 -21.39 -23.34
C SER A 275 -18.29 -20.09 -22.55
N VAL A 276 -18.97 -20.12 -21.41
CA VAL A 276 -19.04 -18.94 -20.54
C VAL A 276 -17.64 -18.45 -20.15
N LEU A 277 -16.76 -19.39 -19.76
CA LEU A 277 -15.39 -19.03 -19.41
C LEU A 277 -14.65 -18.35 -20.57
N ALA A 278 -14.80 -18.88 -21.78
CA ALA A 278 -14.16 -18.30 -22.97
C ALA A 278 -14.73 -16.92 -23.28
N GLY A 279 -16.02 -16.74 -23.01
CA GLY A 279 -16.68 -15.45 -23.21
C GLY A 279 -16.15 -14.41 -22.23
N HIS A 280 -16.09 -14.76 -20.95
CA HIS A 280 -15.54 -13.82 -19.95
C HIS A 280 -14.11 -13.49 -20.26
N SER A 281 -13.32 -14.49 -20.65
CA SER A 281 -11.91 -14.27 -20.90
C SER A 281 -11.70 -13.31 -22.07
N ARG A 282 -12.44 -13.54 -23.16
CA ARG A 282 -12.35 -12.63 -24.30
C ARG A 282 -12.87 -11.23 -23.96
N THR A 283 -13.90 -11.13 -23.14
CA THR A 283 -14.38 -9.81 -22.73
C THR A 283 -13.39 -9.07 -21.83
N VAL A 284 -12.68 -9.80 -20.97
CA VAL A 284 -11.56 -9.21 -20.25
C VAL A 284 -10.54 -8.63 -21.24
N SER A 285 -10.15 -9.42 -22.24
CA SER A 285 -9.16 -8.96 -23.23
C SER A 285 -9.67 -7.74 -24.02
N ASP A 286 -10.94 -7.78 -24.41
CA ASP A 286 -11.55 -6.67 -25.15
C ASP A 286 -11.54 -5.39 -24.33
N SER A 287 -11.87 -5.51 -23.05
CA SER A 287 -11.93 -4.35 -22.15
C SER A 287 -10.55 -3.73 -21.97
N ILE A 288 -9.54 -4.58 -21.86
CA ILE A 288 -8.16 -4.13 -21.74
C ILE A 288 -7.73 -3.40 -23.02
N LYS A 289 -8.08 -3.97 -24.18
CA LYS A 289 -7.80 -3.32 -25.46
C LYS A 289 -8.42 -1.93 -25.53
N LYS A 290 -9.68 -1.82 -25.12
CA LYS A 290 -10.39 -0.53 -25.11
C LYS A 290 -9.74 0.46 -24.15
N LEU A 291 -9.31 -0.01 -22.98
CA LEU A 291 -8.65 0.85 -22.02
C LEU A 291 -7.32 1.39 -22.54
N ILE A 292 -6.53 0.51 -23.16
CA ILE A 292 -5.25 0.91 -23.74
C ILE A 292 -5.46 1.96 -24.82
N THR A 293 -6.43 1.73 -25.70
CA THR A 293 -6.76 2.67 -26.76
C THR A 293 -7.15 4.03 -26.18
N SER A 294 -7.97 4.02 -25.14
CA SER A 294 -8.40 5.24 -24.46
C SER A 294 -7.24 5.98 -23.82
N MET A 295 -6.32 5.24 -23.20
CA MET A 295 -5.14 5.83 -22.57
C MET A 295 -4.23 6.52 -23.58
N ARG A 296 -4.11 5.91 -24.76
CA ARG A 296 -3.31 6.49 -25.84
C ARG A 296 -3.95 7.77 -26.40
N ASP A 297 -5.29 7.78 -26.43
CA ASP A 297 -6.05 8.92 -26.93
CA ASP A 297 -6.07 8.91 -26.92
C ASP A 297 -6.10 10.08 -25.92
N LYS A 298 -6.30 9.75 -24.64
CA LYS A 298 -6.48 10.76 -23.59
C LYS A 298 -5.20 11.20 -22.88
N ALA A 299 -4.04 10.77 -23.39
CA ALA A 299 -2.75 11.08 -22.79
C ALA A 299 -2.52 12.58 -22.60
N PRO A 300 -2.19 13.00 -21.35
CA PRO A 300 -1.79 14.39 -21.10
C PRO A 300 -0.34 14.63 -21.52
N GLY A 301 0.53 13.71 -21.14
CA GLY A 301 1.97 13.81 -21.40
C GLY A 301 2.75 12.77 -20.61
N ASN B 1 22.67 -7.73 23.68
CA ASN B 1 21.70 -8.75 23.15
C ASN B 1 21.59 -8.65 21.64
N GLU B 2 22.17 -9.62 20.94
CA GLU B 2 22.23 -9.62 19.48
C GLU B 2 20.85 -9.80 18.84
N ASP B 3 19.99 -10.57 19.51
CA ASP B 3 18.63 -10.80 19.03
C ASP B 3 17.82 -9.51 19.05
N ILE B 4 17.93 -8.76 20.14
CA ILE B 4 17.22 -7.47 20.24
C ILE B 4 17.82 -6.45 19.25
N ASP B 5 19.14 -6.45 19.11
CA ASP B 5 19.79 -5.62 18.08
C ASP B 5 19.21 -5.90 16.70
N GLN B 6 19.09 -7.17 16.35
CA GLN B 6 18.51 -7.58 15.06
C GLN B 6 17.10 -7.04 14.88
N MET B 7 16.32 -7.04 15.95
CA MET B 7 14.94 -6.55 15.92
C MET B 7 14.90 -5.08 15.49
N PHE B 8 15.94 -4.33 15.83
CA PHE B 8 16.01 -2.90 15.55
C PHE B 8 16.96 -2.54 14.41
N SER B 9 17.21 -3.50 13.50
CA SER B 9 18.16 -3.29 12.40
C SER B 9 17.69 -2.20 11.44
N THR B 10 16.38 -2.13 11.20
CA THR B 10 15.85 -1.10 10.29
C THR B 10 16.05 0.29 10.88
N LEU B 11 15.77 0.44 12.18
CA LEU B 11 16.07 1.71 12.85
C LEU B 11 17.55 2.07 12.82
N LEU B 12 18.42 1.08 13.02
CA LEU B 12 19.85 1.33 12.97
C LEU B 12 20.26 1.90 11.60
N GLY B 13 19.70 1.33 10.53
CA GLY B 13 19.91 1.84 9.17
C GLY B 13 19.45 3.28 9.02
N GLU B 14 18.30 3.60 9.60
CA GLU B 14 17.82 4.97 9.60
C GLU B 14 18.77 5.90 10.34
N MET B 15 19.27 5.44 11.49
CA MET B 15 20.24 6.20 12.29
C MET B 15 21.53 6.43 11.50
N ASP B 16 21.96 5.41 10.75
CA ASP B 16 23.16 5.55 9.92
C ASP B 16 23.00 6.67 8.91
N LEU B 17 21.82 6.78 8.31
CA LEU B 17 21.56 7.86 7.35
C LEU B 17 21.40 9.22 8.02
N LEU B 18 20.70 9.27 9.14
CA LEU B 18 20.49 10.52 9.86
C LEU B 18 21.79 11.12 10.37
N THR B 19 22.74 10.26 10.74
CA THR B 19 24.05 10.69 11.25
CA THR B 19 24.06 10.65 11.25
C THR B 19 24.86 11.43 10.20
N GLN B 20 24.56 11.21 8.92
CA GLN B 20 25.29 11.89 7.84
C GLN B 20 25.02 13.39 7.72
N SER B 21 23.86 13.83 8.24
CA SER B 21 23.48 15.24 8.11
C SER B 21 24.31 16.18 8.97
C1 EDO C . 19.45 0.66 16.86
O1 EDO C . 20.20 -0.52 17.17
C2 EDO C . 18.67 1.11 18.09
O2 EDO C . 19.59 1.32 19.17
C1 EDO D . 20.73 9.25 14.94
O1 EDO D . 21.35 8.47 15.98
C2 EDO D . 21.60 10.47 14.67
O2 EDO D . 21.58 11.33 15.82
#